data_8ZT4
#
_entry.id   8ZT4
#
_cell.length_a   77.150
_cell.length_b   95.680
_cell.length_c   130.790
_cell.angle_alpha   90.00
_cell.angle_beta   90.00
_cell.angle_gamma   90.00
#
_symmetry.space_group_name_H-M   'P 21 21 21'
#
loop_
_entity.id
_entity.type
_entity.pdbx_description
1 polymer 'Carrier protein,GNAT family transferase'
2 non-polymer 'THIOCYANATE ION'
3 non-polymer 'CHLORIDE ION'
4 non-polymer 'BICARBONATE ION'
5 water water
#
_entity_poly.entity_id   1
_entity_poly.type   'polypeptide(L)'
_entity_poly.pdbx_seq_one_letter_code
;MGSSHHHHHHSSGLVPRGSHMDPLMASVAEAVRRRAQAPPPAAGLDPDAELSALGVT(4HH)LGVAGLIVDLEEEFSFQF
PADAVTPEVFHTLRTLTDSVRALCRHQSGGGGGSMADTRIPAGEATAAWQWEVSRDTGEVHALLCACDAHQAAASGTSAP
ARRLETTEHRVRSGSVHLLRHDGRPAGMFTLTWDPPFAADEGAFPPAERPLYLSRLAVAPEWLTGGSLVGLRCLRRAIET
AAQAGGDALRSEANPDLSATRSLLDILGFVQHGPTLSDGQGRRRVHLHKSLRPASPGPGGED
;
_entity_poly.pdbx_strand_id   A,B
#
loop_
_chem_comp.id
_chem_comp.type
_chem_comp.name
_chem_comp.formula
BCT non-polymer 'BICARBONATE ION' 'C H O3 -1'
CL non-polymer 'CHLORIDE ION' 'Cl -1'
SCN non-polymer 'THIOCYANATE ION' 'C N S -1'
#
# COMPACT_ATOMS: atom_id res chain seq x y z
N MET A 21 6.03 23.29 5.41
CA MET A 21 5.98 23.35 3.95
C MET A 21 4.55 23.60 3.49
N ASP A 22 4.40 23.79 2.20
CA ASP A 22 3.08 23.97 1.62
C ASP A 22 2.36 22.61 1.58
N PRO A 23 1.10 22.53 2.03
CA PRO A 23 0.49 21.22 2.31
C PRO A 23 0.55 20.20 1.18
N LEU A 24 0.10 20.57 -0.03
CA LEU A 24 0.17 19.64 -1.14
C LEU A 24 1.60 19.23 -1.43
N MET A 25 2.51 20.20 -1.44
CA MET A 25 3.92 19.89 -1.67
C MET A 25 4.48 19.05 -0.53
N ALA A 26 3.98 19.24 0.70
CA ALA A 26 4.41 18.39 1.80
C ALA A 26 3.97 16.94 1.61
N SER A 27 2.72 16.74 1.18
CA SER A 27 2.24 15.39 0.90
C SER A 27 3.04 14.74 -0.21
N VAL A 28 3.28 15.50 -1.29
CA VAL A 28 4.07 14.96 -2.40
C VAL A 28 5.48 14.63 -1.95
N ALA A 29 6.07 15.47 -1.08
CA ALA A 29 7.42 15.21 -0.60
C ALA A 29 7.48 13.94 0.23
N GLU A 30 6.46 13.69 1.05
CA GLU A 30 6.43 12.44 1.80
C GLU A 30 6.29 11.24 0.87
N ALA A 31 5.38 11.33 -0.11
CA ALA A 31 5.28 10.27 -1.11
C ALA A 31 6.62 10.01 -1.79
N VAL A 32 7.35 11.08 -2.11
CA VAL A 32 8.61 10.93 -2.83
C VAL A 32 9.67 10.29 -1.94
N ARG A 33 9.76 10.72 -0.68
CA ARG A 33 10.73 10.14 0.23
C ARG A 33 10.45 8.67 0.48
N ARG A 34 9.20 8.24 0.33
CA ARG A 34 8.91 6.82 0.45
C ARG A 34 9.62 6.01 -0.63
N ARG A 35 9.69 6.56 -1.86
CA ARG A 35 10.27 5.87 -3.01
C ARG A 35 11.72 6.29 -3.28
N ALA A 36 12.37 6.92 -2.31
CA ALA A 36 13.74 7.37 -2.48
C ALA A 36 14.69 6.42 -1.75
N GLN A 37 15.96 6.53 -2.11
CA GLN A 37 17.02 5.71 -1.53
C GLN A 37 18.15 6.61 -1.02
N ALA A 38 17.79 7.70 -0.37
CA ALA A 38 18.77 8.65 0.15
C ALA A 38 18.09 9.49 1.22
N PRO A 39 18.83 9.91 2.26
CA PRO A 39 18.27 10.72 3.36
C PRO A 39 17.57 11.99 2.88
N LEU A 45 13.72 19.06 2.71
CA LEU A 45 13.74 18.68 1.29
C LEU A 45 13.53 19.89 0.37
N ASP A 46 14.36 19.95 -0.68
CA ASP A 46 14.40 21.08 -1.60
C ASP A 46 13.33 20.93 -2.67
N PRO A 47 12.47 21.94 -2.89
CA PRO A 47 11.53 21.87 -4.01
C PRO A 47 12.19 21.67 -5.36
N ASP A 48 13.37 22.24 -5.57
CA ASP A 48 14.08 22.10 -6.83
C ASP A 48 15.06 20.93 -6.85
N ALA A 49 14.87 19.94 -5.98
CA ALA A 49 15.72 18.75 -5.99
C ALA A 49 15.23 17.77 -7.05
N GLU A 50 16.16 17.23 -7.84
CA GLU A 50 15.81 16.27 -8.87
C GLU A 50 15.46 14.91 -8.24
N LEU A 51 14.37 14.31 -8.71
CA LEU A 51 13.99 13.01 -8.17
C LEU A 51 15.05 11.95 -8.49
N SER A 52 15.61 11.99 -9.70
CA SER A 52 16.64 11.01 -10.06
C SER A 52 17.83 11.10 -9.11
N ALA A 53 18.21 12.32 -8.70
CA ALA A 53 19.28 12.49 -7.72
C ALA A 53 18.91 11.95 -6.34
N LEU A 54 17.62 11.85 -6.04
CA LEU A 54 17.14 11.24 -4.82
C LEU A 54 17.14 9.71 -4.88
N GLY A 55 17.47 9.14 -6.03
CA GLY A 55 17.46 7.70 -6.18
C GLY A 55 16.11 7.10 -6.54
N VAL A 56 15.16 7.89 -7.02
CA VAL A 56 13.86 7.37 -7.45
C VAL A 56 14.03 6.71 -8.82
N THR A 57 13.72 5.42 -8.88
CA THR A 57 13.85 4.62 -10.10
C THR A 57 12.52 4.59 -10.86
O 4HH A 58 9.03 3.53 -11.78
C 4HH A 58 10.15 3.01 -11.86
CA 4HH A 58 11.25 3.66 -12.71
N 4HH A 58 12.47 3.80 -11.94
CB 4HH A 58 11.52 2.85 -13.97
OG 4HH A 58 10.36 2.76 -14.78
CJ 4HH A 58 10.17 -0.19 -16.05
CK 4HH A 58 10.99 -1.47 -15.91
CL1 4HH A 58 12.10 -1.24 -14.88
CL2 4HH A 58 10.07 -2.58 -15.39
CL3 4HH A 58 10.62 -2.00 -18.39
CM 4HH A 58 11.61 -1.91 -17.24
OM 4HH A 58 12.27 -3.16 -17.08
NN 4HH A 58 10.13 -3.19 -18.69
ON 4HH A 58 10.30 -0.98 -19.00
P 4HH A 58 10.48 2.44 -16.31
O1P 4HH A 58 9.27 2.47 -17.21
O2P 4HH A 58 11.62 3.34 -16.80
O3P 4HH A 58 11.07 0.92 -16.33
CO 4HH A 58 9.12 -3.37 -19.73
CP 4HH A 58 9.63 -4.14 -20.94
CQ 4HH A 58 9.91 -5.58 -20.57
CS 4HH A 58 9.19 -7.92 -20.74
CT 4HH A 58 8.00 -8.73 -21.21
NR 4HH A 58 9.05 -6.50 -21.01
OR 4HH A 58 10.89 -5.89 -19.89
SU 4HH A 58 6.48 -8.33 -20.33
N LEU A 59 10.47 1.88 -11.22
CA LEU A 59 9.51 1.28 -10.29
C LEU A 59 9.16 2.24 -9.17
N GLY A 60 10.13 3.03 -8.72
CA GLY A 60 9.85 4.06 -7.75
C GLY A 60 8.76 5.02 -8.21
N VAL A 61 8.89 5.52 -9.45
CA VAL A 61 7.88 6.41 -10.00
C VAL A 61 6.54 5.72 -10.11
N ALA A 62 6.53 4.43 -10.46
CA ALA A 62 5.27 3.70 -10.53
C ALA A 62 4.55 3.71 -9.18
N GLY A 63 5.28 3.36 -8.12
CA GLY A 63 4.70 3.40 -6.78
C GLY A 63 4.28 4.80 -6.36
N LEU A 64 5.07 5.80 -6.76
CA LEU A 64 4.74 7.19 -6.47
C LEU A 64 3.40 7.58 -7.10
N ILE A 65 3.22 7.22 -8.37
CA ILE A 65 1.96 7.52 -9.07
C ILE A 65 0.80 6.85 -8.36
N VAL A 66 0.94 5.57 -8.01
CA VAL A 66 -0.17 4.87 -7.38
C VAL A 66 -0.51 5.50 -6.02
N ASP A 67 0.51 5.86 -5.24
CA ASP A 67 0.27 6.52 -3.96
C ASP A 67 -0.47 7.84 -4.14
N LEU A 68 0.02 8.70 -5.04
CA LEU A 68 -0.63 10.01 -5.23
C LEU A 68 -2.06 9.86 -5.73
N GLU A 69 -2.29 8.94 -6.67
CA GLU A 69 -3.64 8.72 -7.16
C GLU A 69 -4.56 8.27 -6.05
N GLU A 70 -4.07 7.40 -5.17
CA GLU A 70 -4.90 7.00 -4.04
C GLU A 70 -5.16 8.18 -3.10
N GLU A 71 -4.14 9.00 -2.85
CA GLU A 71 -4.29 10.01 -1.82
C GLU A 71 -5.23 11.13 -2.27
N PHE A 72 -5.14 11.54 -3.53
CA PHE A 72 -5.84 12.72 -4.00
C PHE A 72 -6.99 12.41 -4.95
N SER A 73 -7.31 11.13 -5.14
CA SER A 73 -8.49 10.69 -5.90
C SER A 73 -8.52 11.32 -7.30
N PHE A 74 -7.43 11.15 -8.03
CA PHE A 74 -7.34 11.54 -9.42
C PHE A 74 -6.55 10.48 -10.17
N GLN A 75 -6.51 10.60 -11.49
CA GLN A 75 -5.81 9.63 -12.33
C GLN A 75 -4.73 10.33 -13.15
N PHE A 76 -3.54 9.74 -13.15
CA PHE A 76 -2.42 10.23 -13.94
C PHE A 76 -2.57 9.81 -15.39
N PRO A 77 -2.57 10.74 -16.35
CA PRO A 77 -2.61 10.33 -17.76
C PRO A 77 -1.27 9.75 -18.21
N ALA A 78 -1.34 8.79 -19.12
CA ALA A 78 -0.12 8.19 -19.65
C ALA A 78 0.86 9.25 -20.15
N ASP A 79 0.37 10.27 -20.87
CA ASP A 79 1.27 11.30 -21.38
C ASP A 79 1.78 12.26 -20.31
N ALA A 80 1.42 12.06 -19.05
CA ALA A 80 2.09 12.76 -17.96
C ALA A 80 3.20 11.94 -17.32
N VAL A 81 3.39 10.69 -17.76
CA VAL A 81 4.48 9.86 -17.27
C VAL A 81 5.75 10.17 -18.06
N THR A 82 6.39 11.29 -17.74
CA THR A 82 7.55 11.79 -18.45
C THR A 82 8.56 12.31 -17.43
N PRO A 83 9.86 12.23 -17.75
CA PRO A 83 10.87 12.77 -16.84
C PRO A 83 10.72 14.26 -16.60
N GLU A 84 9.95 14.95 -17.43
CA GLU A 84 9.71 16.38 -17.25
C GLU A 84 8.74 16.65 -16.10
N VAL A 85 7.63 15.90 -16.05
CA VAL A 85 6.72 15.95 -14.90
C VAL A 85 7.41 15.48 -13.63
N PHE A 86 8.16 14.37 -13.71
CA PHE A 86 8.85 13.83 -12.54
C PHE A 86 10.29 14.34 -12.41
N HIS A 87 10.56 15.54 -12.91
CA HIS A 87 11.89 16.11 -12.81
C HIS A 87 12.23 16.46 -11.37
N THR A 88 11.46 17.36 -10.76
CA THR A 88 11.71 17.82 -9.39
C THR A 88 10.42 17.72 -8.58
N LEU A 89 10.55 18.03 -7.29
CA LEU A 89 9.37 18.11 -6.43
C LEU A 89 8.44 19.23 -6.87
N ARG A 90 9.00 20.34 -7.35
CA ARG A 90 8.18 21.45 -7.81
C ARG A 90 7.35 21.04 -9.03
N THR A 91 7.98 20.45 -10.06
CA THR A 91 7.23 20.08 -11.25
C THR A 91 6.17 19.04 -10.94
N LEU A 92 6.51 18.07 -10.10
CA LEU A 92 5.53 17.03 -9.75
C LEU A 92 4.35 17.63 -9.00
N THR A 93 4.62 18.49 -8.01
CA THR A 93 3.54 19.13 -7.25
C THR A 93 2.65 19.95 -8.17
N ASP A 94 3.25 20.71 -9.09
CA ASP A 94 2.45 21.52 -10.00
C ASP A 94 1.59 20.66 -10.90
N SER A 95 2.13 19.52 -11.36
CA SER A 95 1.34 18.63 -12.20
C SER A 95 0.19 18.02 -11.41
N VAL A 96 0.45 17.62 -10.15
CA VAL A 96 -0.61 17.07 -9.31
C VAL A 96 -1.72 18.09 -9.11
N ARG A 97 -1.36 19.32 -8.77
CA ARG A 97 -2.34 20.37 -8.59
C ARG A 97 -3.17 20.56 -9.86
N ALA A 98 -2.51 20.60 -11.02
CA ALA A 98 -3.24 20.80 -12.26
C ALA A 98 -4.19 19.64 -12.55
N LEU A 99 -3.68 18.41 -12.45
CA LEU A 99 -4.50 17.25 -12.76
C LEU A 99 -5.70 17.16 -11.83
N CYS A 100 -5.51 17.47 -10.55
CA CYS A 100 -6.63 17.46 -9.62
C CYS A 100 -7.67 18.48 -10.02
N ARG A 101 -7.24 19.71 -10.33
CA ARG A 101 -8.19 20.73 -10.77
C ARG A 101 -8.98 20.26 -11.99
N HIS A 102 -8.28 19.75 -13.01
CA HIS A 102 -8.94 19.41 -14.28
C HIS A 102 -10.00 18.32 -14.12
N GLN A 103 -9.79 17.36 -13.22
CA GLN A 103 -10.72 16.23 -13.06
C GLN A 103 -11.70 16.51 -11.92
N SER A 104 -12.55 17.50 -12.14
CA SER A 104 -13.57 17.86 -11.16
C SER A 104 -14.63 18.76 -11.78
N SER A 110 -8.15 26.20 -16.02
CA SER A 110 -7.41 27.38 -15.60
C SER A 110 -5.91 27.11 -15.67
N MET A 111 -5.48 26.01 -15.07
CA MET A 111 -4.09 25.57 -15.13
C MET A 111 -3.80 24.75 -16.38
N ALA A 112 -4.46 25.05 -17.50
CA ALA A 112 -4.22 24.30 -18.73
C ALA A 112 -2.82 24.54 -19.29
N ASP A 113 -2.18 25.66 -18.92
CA ASP A 113 -0.80 25.91 -19.34
C ASP A 113 0.16 24.86 -18.79
N THR A 114 -0.13 24.32 -17.61
CA THR A 114 0.71 23.29 -17.01
C THR A 114 0.34 21.90 -17.52
N ARG A 115 -0.96 21.62 -17.63
CA ARG A 115 -1.41 20.32 -18.10
C ARG A 115 -1.04 20.09 -19.57
N ILE A 116 -1.00 21.16 -20.38
CA ILE A 116 -0.56 21.09 -21.77
C ILE A 116 0.85 21.66 -21.84
N PRO A 117 1.88 20.83 -21.79
CA PRO A 117 3.26 21.35 -21.73
C PRO A 117 3.73 21.81 -23.11
N ALA A 118 4.16 23.07 -23.20
CA ALA A 118 4.65 23.59 -24.47
C ALA A 118 6.03 23.00 -24.78
N GLY A 119 6.38 23.02 -26.07
CA GLY A 119 7.74 22.67 -26.47
C GLY A 119 7.89 21.41 -27.32
N GLU A 120 9.00 21.37 -28.06
CA GLU A 120 9.25 20.29 -28.99
C GLU A 120 9.64 18.99 -28.30
N ALA A 121 10.18 19.04 -27.07
CA ALA A 121 10.57 17.81 -26.39
C ALA A 121 9.36 16.93 -26.09
N THR A 122 8.28 17.52 -25.58
CA THR A 122 7.06 16.75 -25.36
C THR A 122 6.57 16.12 -26.65
N ALA A 123 6.46 16.93 -27.71
CA ALA A 123 5.91 16.50 -28.98
C ALA A 123 6.81 15.52 -29.72
N ALA A 124 8.05 15.33 -29.28
CA ALA A 124 8.89 14.30 -29.87
C ALA A 124 8.34 12.90 -29.66
N TRP A 125 7.47 12.69 -28.68
CA TRP A 125 6.90 11.37 -28.37
C TRP A 125 5.52 11.24 -29.02
N GLN A 126 5.37 10.27 -29.93
CA GLN A 126 4.13 10.09 -30.67
C GLN A 126 3.71 8.62 -30.72
N TRP A 127 2.43 8.36 -30.48
CA TRP A 127 1.84 7.03 -30.53
C TRP A 127 1.25 6.77 -31.92
N GLU A 128 1.31 5.50 -32.35
CA GLU A 128 0.70 5.08 -33.60
C GLU A 128 0.22 3.65 -33.48
N VAL A 129 -0.68 3.29 -34.38
CA VAL A 129 -1.00 1.89 -34.64
C VAL A 129 -0.01 1.42 -35.70
N SER A 130 0.87 0.50 -35.32
CA SER A 130 1.99 0.14 -36.19
C SER A 130 1.52 -0.54 -37.45
N ARG A 131 2.24 -0.31 -38.55
CA ARG A 131 1.98 -0.97 -39.82
C ARG A 131 3.23 -1.60 -40.40
N ASP A 132 4.32 -1.69 -39.63
CA ASP A 132 5.62 -2.13 -40.13
C ASP A 132 6.04 -3.37 -39.32
N THR A 133 5.84 -4.53 -39.93
CA THR A 133 6.08 -5.81 -39.24
C THR A 133 7.54 -5.93 -38.83
N GLY A 134 8.47 -5.71 -39.76
CA GLY A 134 9.88 -5.89 -39.45
C GLY A 134 10.33 -5.01 -38.30
N GLU A 135 9.84 -3.77 -38.28
CA GLU A 135 10.19 -2.85 -37.20
C GLU A 135 9.72 -3.38 -35.85
N VAL A 136 8.46 -3.83 -35.80
CA VAL A 136 7.89 -4.37 -34.56
C VAL A 136 8.69 -5.57 -34.09
N HIS A 137 9.00 -6.48 -35.01
CA HIS A 137 9.68 -7.71 -34.64
C HIS A 137 11.11 -7.43 -34.16
N ALA A 138 11.81 -6.51 -34.81
CA ALA A 138 13.15 -6.15 -34.36
C ALA A 138 13.11 -5.54 -32.97
N LEU A 139 12.14 -4.67 -32.70
CA LEU A 139 12.07 -4.06 -31.37
C LEU A 139 11.79 -5.11 -30.31
N LEU A 140 10.80 -5.98 -30.56
CA LEU A 140 10.48 -7.06 -29.64
C LEU A 140 11.70 -7.93 -29.35
N CYS A 141 12.42 -8.35 -30.39
CA CYS A 141 13.55 -9.23 -30.18
C CYS A 141 14.68 -8.54 -29.41
N ALA A 142 14.95 -7.26 -29.70
CA ALA A 142 15.99 -6.55 -28.94
C ALA A 142 15.63 -6.49 -27.45
N CYS A 143 14.39 -6.08 -27.15
CA CYS A 143 13.97 -6.01 -25.76
C CYS A 143 14.03 -7.39 -25.08
N ASP A 144 13.57 -8.44 -25.77
CA ASP A 144 13.62 -9.79 -25.21
C ASP A 144 15.04 -10.19 -24.85
N ALA A 145 15.98 -9.99 -25.77
CA ALA A 145 17.35 -10.41 -25.53
C ALA A 145 17.97 -9.62 -24.38
N HIS A 146 17.70 -8.31 -24.33
CA HIS A 146 18.24 -7.48 -23.26
C HIS A 146 17.76 -7.96 -21.90
N GLN A 147 16.43 -8.16 -21.76
CA GLN A 147 15.87 -8.59 -20.47
C GLN A 147 16.26 -10.02 -20.11
N ALA A 148 16.46 -10.90 -21.10
CA ALA A 148 16.98 -12.24 -20.82
C ALA A 148 18.40 -12.17 -20.28
N ALA A 149 19.27 -11.37 -20.90
CA ALA A 149 20.60 -11.18 -20.35
C ALA A 149 20.55 -10.58 -18.95
N ALA A 150 19.61 -9.67 -18.70
CA ALA A 150 19.59 -9.00 -17.39
C ALA A 150 19.06 -9.92 -16.29
N SER A 151 18.20 -10.87 -16.63
CA SER A 151 17.54 -11.69 -15.61
C SER A 151 18.11 -13.10 -15.49
N GLY A 152 18.97 -13.52 -16.43
CA GLY A 152 19.43 -14.90 -16.43
C GLY A 152 18.42 -15.91 -16.93
N THR A 153 17.50 -15.51 -17.81
CA THR A 153 16.47 -16.40 -18.34
C THR A 153 16.63 -16.54 -19.85
N SER A 154 15.98 -17.56 -20.40
CA SER A 154 15.99 -17.77 -21.83
C SER A 154 15.03 -16.79 -22.50
N ALA A 155 15.47 -16.18 -23.60
CA ALA A 155 14.58 -15.32 -24.36
C ALA A 155 13.44 -16.14 -24.95
N PRO A 156 12.22 -15.61 -24.93
CA PRO A 156 11.10 -16.35 -25.53
C PRO A 156 11.25 -16.46 -27.04
N ALA A 157 10.68 -17.53 -27.59
CA ALA A 157 10.67 -17.74 -29.03
C ALA A 157 9.52 -16.94 -29.64
N ARG A 158 9.85 -16.02 -30.55
CA ARG A 158 8.85 -15.17 -31.18
C ARG A 158 8.64 -15.60 -32.62
N ARG A 159 7.38 -15.73 -33.02
CA ARG A 159 7.02 -16.07 -34.40
C ARG A 159 6.82 -14.79 -35.21
N LEU A 160 7.55 -14.69 -36.31
CA LEU A 160 7.28 -13.63 -37.26
C LEU A 160 5.84 -13.67 -37.76
N GLU A 161 5.27 -14.87 -37.93
CA GLU A 161 3.88 -14.96 -38.38
C GLU A 161 2.93 -14.34 -37.36
N THR A 162 3.27 -14.46 -36.07
CA THR A 162 2.48 -13.80 -35.04
C THR A 162 2.57 -12.28 -35.18
N THR A 163 3.78 -11.76 -35.40
CA THR A 163 3.95 -10.33 -35.60
C THR A 163 3.13 -9.84 -36.80
N GLU A 164 3.19 -10.57 -37.90
CA GLU A 164 2.44 -10.21 -39.10
C GLU A 164 0.95 -10.16 -38.79
N HIS A 165 0.43 -11.18 -38.08
CA HIS A 165 -0.99 -11.21 -37.76
C HIS A 165 -1.39 -10.05 -36.86
N ARG A 166 -0.57 -9.75 -35.84
CA ARG A 166 -0.85 -8.66 -34.92
C ARG A 166 -0.83 -7.31 -35.63
N VAL A 167 0.16 -7.09 -36.50
CA VAL A 167 0.28 -5.81 -37.17
C VAL A 167 -0.88 -5.61 -38.14
N ARG A 168 -1.23 -6.65 -38.92
CA ARG A 168 -2.37 -6.54 -39.84
C ARG A 168 -3.67 -6.38 -39.09
N SER A 169 -3.78 -6.91 -37.87
CA SER A 169 -5.01 -6.80 -37.08
C SER A 169 -5.22 -5.42 -36.48
N GLY A 170 -4.19 -4.58 -36.45
CA GLY A 170 -4.27 -3.31 -35.76
C GLY A 170 -4.03 -3.40 -34.28
N SER A 171 -3.43 -4.49 -33.81
CA SER A 171 -3.32 -4.76 -32.38
C SER A 171 -2.06 -4.16 -31.76
N VAL A 172 -1.07 -3.74 -32.56
CA VAL A 172 0.22 -3.29 -32.04
C VAL A 172 0.21 -1.77 -31.95
N HIS A 173 0.44 -1.24 -30.75
CA HIS A 173 0.51 0.19 -30.49
C HIS A 173 1.94 0.55 -30.14
N LEU A 174 2.53 1.45 -30.93
CA LEU A 174 3.95 1.76 -30.85
C LEU A 174 4.18 3.23 -30.54
N LEU A 175 5.10 3.49 -29.63
CA LEU A 175 5.51 4.81 -29.20
C LEU A 175 6.87 5.11 -29.80
N ARG A 176 6.93 6.14 -30.65
CA ARG A 176 8.16 6.65 -31.27
C ARG A 176 8.64 7.89 -30.56
N HIS A 177 9.96 8.08 -30.61
CA HIS A 177 10.62 9.29 -30.17
C HIS A 177 11.48 9.78 -31.32
N ASP A 178 11.14 10.95 -31.85
CA ASP A 178 11.90 11.54 -32.96
C ASP A 178 12.00 10.61 -34.16
N GLY A 179 10.96 9.78 -34.37
CA GLY A 179 10.93 8.85 -35.47
C GLY A 179 11.39 7.44 -35.15
N ARG A 180 12.17 7.27 -34.09
CA ARG A 180 12.73 5.95 -33.82
C ARG A 180 11.89 5.22 -32.77
N PRO A 181 11.62 3.93 -32.99
CA PRO A 181 10.74 3.20 -32.07
C PRO A 181 11.33 3.13 -30.67
N ALA A 182 10.48 3.33 -29.67
CA ALA A 182 10.92 3.35 -28.29
C ALA A 182 10.23 2.31 -27.43
N GLY A 183 8.92 2.13 -27.63
CA GLY A 183 8.19 1.20 -26.79
C GLY A 183 6.93 0.75 -27.50
N MET A 184 6.32 -0.33 -27.01
CA MET A 184 5.13 -0.84 -27.69
C MET A 184 4.42 -1.86 -26.82
N PHE A 185 3.19 -2.17 -27.23
CA PHE A 185 2.41 -3.24 -26.63
C PHE A 185 1.41 -3.75 -27.65
N THR A 186 1.02 -5.01 -27.47
CA THR A 186 0.02 -5.65 -28.31
C THR A 186 -1.22 -5.91 -27.46
N LEU A 187 -2.38 -5.57 -28.01
CA LEU A 187 -3.65 -5.60 -27.29
C LEU A 187 -4.69 -6.28 -28.17
N THR A 188 -5.22 -7.43 -27.71
CA THR A 188 -6.09 -8.25 -28.53
C THR A 188 -7.34 -8.70 -27.78
N TRP A 189 -8.38 -9.03 -28.56
CA TRP A 189 -9.51 -9.75 -27.99
C TRP A 189 -9.21 -11.23 -27.84
N ASP A 190 -8.44 -11.80 -28.77
CA ASP A 190 -8.03 -13.19 -28.65
C ASP A 190 -6.97 -13.34 -27.57
N PRO A 191 -6.99 -14.41 -26.79
CA PRO A 191 -5.86 -14.70 -25.90
C PRO A 191 -4.63 -15.04 -26.71
N PRO A 192 -3.51 -14.33 -26.48
CA PRO A 192 -2.28 -14.64 -27.20
C PRO A 192 -1.46 -15.74 -26.58
N PHE A 193 -1.97 -16.36 -25.52
CA PHE A 193 -1.30 -17.43 -24.79
C PHE A 193 -2.37 -18.42 -24.32
N ALA A 194 -1.95 -19.67 -24.10
CA ALA A 194 -2.87 -20.67 -23.57
C ALA A 194 -3.08 -20.46 -22.08
N ALA A 195 -4.32 -20.59 -21.64
CA ALA A 195 -4.66 -20.44 -20.23
C ALA A 195 -6.00 -21.11 -19.97
N ASP A 196 -6.01 -22.05 -19.03
CA ASP A 196 -7.22 -22.77 -18.71
C ASP A 196 -8.32 -21.82 -18.24
N GLU A 197 -9.54 -22.35 -18.19
CA GLU A 197 -10.61 -21.64 -17.52
C GLU A 197 -10.33 -21.63 -16.02
N GLY A 198 -10.65 -20.51 -15.38
CA GLY A 198 -10.31 -20.31 -13.99
C GLY A 198 -8.94 -19.75 -13.75
N ALA A 199 -8.09 -19.68 -14.78
CA ALA A 199 -6.81 -18.98 -14.64
C ALA A 199 -7.01 -17.49 -14.39
N PHE A 200 -8.20 -16.98 -14.66
CA PHE A 200 -8.55 -15.58 -14.52
C PHE A 200 -9.91 -15.45 -13.86
N PRO A 201 -10.16 -14.34 -13.18
CA PRO A 201 -11.54 -14.04 -12.74
C PRO A 201 -12.45 -13.85 -13.94
N PRO A 202 -13.75 -14.07 -13.77
CA PRO A 202 -14.66 -13.89 -14.91
C PRO A 202 -14.74 -12.43 -15.34
N ALA A 203 -15.17 -12.24 -16.58
CA ALA A 203 -15.28 -10.92 -17.17
C ALA A 203 -16.07 -11.03 -18.46
N GLU A 204 -16.83 -9.97 -18.78
CA GLU A 204 -17.72 -10.00 -19.92
C GLU A 204 -16.97 -9.74 -21.23
N ARG A 205 -16.09 -8.75 -21.25
CA ARG A 205 -15.28 -8.41 -22.43
C ARG A 205 -13.83 -8.24 -21.99
N PRO A 206 -13.11 -9.33 -21.76
CA PRO A 206 -11.69 -9.21 -21.41
C PRO A 206 -10.84 -8.89 -22.64
N LEU A 207 -9.83 -8.06 -22.43
CA LEU A 207 -8.77 -7.81 -23.41
C LEU A 207 -7.46 -8.38 -22.88
N TYR A 208 -6.55 -8.66 -23.81
CA TYR A 208 -5.31 -9.35 -23.50
C TYR A 208 -4.11 -8.50 -23.89
N LEU A 209 -3.15 -8.38 -22.98
CA LEU A 209 -1.91 -7.65 -23.18
C LEU A 209 -0.77 -8.63 -23.46
N SER A 210 0.02 -8.35 -24.49
CA SER A 210 1.18 -9.18 -24.79
C SER A 210 2.25 -8.29 -25.40
N ARG A 211 3.47 -8.81 -25.44
CA ARG A 211 4.54 -8.19 -26.22
C ARG A 211 4.78 -6.75 -25.79
N LEU A 212 4.66 -6.47 -24.50
CA LEU A 212 5.09 -5.18 -23.98
C LEU A 212 6.60 -5.10 -24.08
N ALA A 213 7.11 -4.09 -24.79
CA ALA A 213 8.53 -4.07 -25.13
C ALA A 213 9.03 -2.64 -25.16
N VAL A 214 10.29 -2.48 -24.73
CA VAL A 214 10.95 -1.18 -24.65
C VAL A 214 12.32 -1.32 -25.30
N ALA A 215 12.71 -0.32 -26.09
CA ALA A 215 14.02 -0.43 -26.73
C ALA A 215 15.11 -0.43 -25.66
N PRO A 216 16.17 -1.21 -25.86
CA PRO A 216 17.27 -1.27 -24.86
C PRO A 216 17.76 0.10 -24.39
N GLU A 217 17.83 1.09 -25.28
CA GLU A 217 18.35 2.40 -24.90
C GLU A 217 17.49 3.10 -23.84
N TRP A 218 16.21 2.73 -23.73
CA TRP A 218 15.33 3.27 -22.69
C TRP A 218 15.22 2.40 -21.46
N LEU A 219 15.93 1.28 -21.40
CA LEU A 219 15.93 0.42 -20.22
C LEU A 219 17.01 0.80 -19.22
N THR A 220 17.38 2.09 -19.13
N THR A 220 17.31 2.10 -19.07
CA THR A 220 18.34 2.55 -18.14
CA THR A 220 18.27 2.57 -18.08
C THR A 220 18.00 3.97 -17.73
C THR A 220 17.74 2.53 -16.66
N GLY A 221 18.56 4.40 -16.61
N GLY A 221 16.48 2.14 -16.45
CA GLY A 221 18.47 5.78 -16.19
CA GLY A 221 15.92 2.07 -15.12
C GLY A 221 17.09 6.27 -15.81
C GLY A 221 15.34 3.37 -14.60
N GLY A 222 16.16 5.35 -15.52
N GLY A 222 15.11 4.36 -15.47
CA GLY A 222 14.82 5.74 -15.16
CA GLY A 222 14.57 5.64 -15.07
C GLY A 222 14.12 6.52 -16.26
C GLY A 222 13.99 6.46 -16.21
N SER A 223 13.89 5.85 -17.40
CA SER A 223 13.36 6.56 -18.56
C SER A 223 11.85 6.72 -18.49
N LEU A 224 11.17 5.82 -17.79
CA LEU A 224 9.72 5.76 -17.64
C LEU A 224 9.00 5.31 -18.90
N VAL A 225 9.73 4.85 -19.92
CA VAL A 225 9.06 4.47 -21.17
C VAL A 225 8.16 3.26 -20.96
N GLY A 226 8.64 2.26 -20.20
CA GLY A 226 7.82 1.08 -19.96
C GLY A 226 6.60 1.39 -19.13
N LEU A 227 6.76 2.22 -18.10
CA LEU A 227 5.62 2.66 -17.30
C LEU A 227 4.59 3.38 -18.19
N ARG A 228 5.08 4.22 -19.10
CA ARG A 228 4.20 4.96 -19.99
C ARG A 228 3.45 4.03 -20.92
N CYS A 229 4.13 3.05 -21.49
CA CYS A 229 3.46 2.11 -22.38
C CYS A 229 2.42 1.29 -21.63
N LEU A 230 2.73 0.86 -20.41
CA LEU A 230 1.78 0.06 -19.66
C LEU A 230 0.53 0.87 -19.31
N ARG A 231 0.72 2.10 -18.84
CA ARG A 231 -0.45 2.95 -18.58
C ARG A 231 -1.24 3.21 -19.85
N ARG A 232 -0.56 3.33 -20.99
CA ARG A 232 -1.27 3.54 -22.24
C ARG A 232 -2.09 2.31 -22.62
N ALA A 233 -1.57 1.13 -22.33
CA ALA A 233 -2.34 -0.09 -22.60
C ALA A 233 -3.58 -0.14 -21.72
N ILE A 234 -3.45 0.25 -20.45
CA ILE A 234 -4.62 0.28 -19.56
C ILE A 234 -5.66 1.26 -20.08
N GLU A 235 -5.24 2.47 -20.46
CA GLU A 235 -6.19 3.46 -20.97
C GLU A 235 -6.87 2.96 -22.25
N THR A 236 -6.08 2.41 -23.19
CA THR A 236 -6.63 1.97 -24.46
C THR A 236 -7.64 0.84 -24.25
N ALA A 237 -7.27 -0.16 -23.44
CA ALA A 237 -8.20 -1.24 -23.12
C ALA A 237 -9.48 -0.71 -22.48
N ALA A 238 -9.37 0.31 -21.62
CA ALA A 238 -10.58 0.86 -21.00
C ALA A 238 -11.44 1.57 -22.03
N GLN A 239 -10.83 2.33 -22.95
CA GLN A 239 -11.62 3.01 -23.98
C GLN A 239 -12.24 2.05 -24.96
N ALA A 240 -11.70 0.83 -25.08
CA ALA A 240 -12.25 -0.15 -25.99
C ALA A 240 -13.47 -0.88 -25.42
N GLY A 241 -13.89 -0.55 -24.20
CA GLY A 241 -15.00 -1.21 -23.56
C GLY A 241 -14.63 -2.42 -22.73
N GLY A 242 -13.35 -2.74 -22.60
CA GLY A 242 -12.95 -3.89 -21.81
C GLY A 242 -13.26 -3.68 -20.34
N ASP A 243 -13.67 -4.76 -19.67
CA ASP A 243 -13.82 -4.76 -18.22
C ASP A 243 -12.63 -5.41 -17.51
N ALA A 244 -11.71 -6.01 -18.25
CA ALA A 244 -10.53 -6.60 -17.64
C ALA A 244 -9.40 -6.60 -18.66
N LEU A 245 -8.17 -6.50 -18.15
CA LEU A 245 -6.96 -6.65 -18.96
C LEU A 245 -6.19 -7.83 -18.41
N ARG A 246 -6.01 -8.85 -19.25
CA ARG A 246 -5.33 -10.08 -18.85
C ARG A 246 -3.95 -10.17 -19.49
N SER A 247 -3.03 -10.80 -18.78
CA SER A 247 -1.65 -10.85 -19.24
C SER A 247 -1.02 -12.13 -18.72
N GLU A 248 0.05 -12.54 -19.39
CA GLU A 248 0.90 -13.64 -18.95
C GLU A 248 2.29 -13.06 -18.77
N ALA A 249 2.87 -13.25 -17.58
CA ALA A 249 4.14 -12.63 -17.28
C ALA A 249 5.12 -13.68 -16.77
N ASN A 250 6.40 -13.43 -17.06
CA ASN A 250 7.47 -14.25 -16.53
C ASN A 250 7.94 -13.65 -15.21
N PRO A 251 7.62 -14.26 -14.07
CA PRO A 251 8.01 -13.65 -12.79
C PRO A 251 9.51 -13.54 -12.59
N ASP A 252 10.31 -14.30 -13.34
CA ASP A 252 11.75 -14.18 -13.20
C ASP A 252 12.32 -12.95 -13.94
N LEU A 253 11.51 -12.27 -14.74
CA LEU A 253 11.80 -10.89 -15.14
C LEU A 253 11.26 -9.99 -14.03
N SER A 254 12.00 -9.94 -12.92
CA SER A 254 11.43 -9.43 -11.68
C SER A 254 11.04 -7.95 -11.76
N ALA A 255 11.77 -7.15 -12.53
CA ALA A 255 11.43 -5.72 -12.59
C ALA A 255 10.06 -5.51 -13.21
N THR A 256 9.82 -6.08 -14.39
CA THR A 256 8.50 -5.97 -15.01
C THR A 256 7.42 -6.64 -14.16
N ARG A 257 7.74 -7.74 -13.48
CA ARG A 257 6.76 -8.38 -12.60
C ARG A 257 6.33 -7.41 -11.50
N SER A 258 7.30 -6.71 -10.90
CA SER A 258 6.96 -5.70 -9.90
C SER A 258 6.15 -4.58 -10.50
N LEU A 259 6.51 -4.13 -11.70
CA LEU A 259 5.76 -3.06 -12.35
C LEU A 259 4.30 -3.45 -12.51
N LEU A 260 4.06 -4.63 -13.08
CA LEU A 260 2.69 -5.13 -13.21
C LEU A 260 1.99 -5.17 -11.85
N ASP A 261 2.70 -5.59 -10.81
CA ASP A 261 2.06 -5.69 -9.50
C ASP A 261 1.72 -4.32 -8.91
N ILE A 262 2.56 -3.32 -9.14
CA ILE A 262 2.33 -2.00 -8.57
C ILE A 262 1.13 -1.33 -9.24
N LEU A 263 0.95 -1.55 -10.54
CA LEU A 263 -0.15 -0.94 -11.29
C LEU A 263 -1.45 -1.72 -11.15
N GLY A 264 -1.49 -2.74 -10.29
CA GLY A 264 -2.73 -3.38 -9.93
C GLY A 264 -3.07 -4.66 -10.67
N PHE A 265 -2.11 -5.28 -11.36
CA PHE A 265 -2.35 -6.60 -11.93
C PHE A 265 -2.25 -7.66 -10.84
N VAL A 266 -3.35 -8.37 -10.59
CA VAL A 266 -3.44 -9.36 -9.52
C VAL A 266 -3.22 -10.76 -10.10
N GLN A 267 -2.46 -11.59 -9.40
CA GLN A 267 -2.16 -12.93 -9.88
C GLN A 267 -3.24 -13.88 -9.40
N HIS A 268 -3.88 -14.56 -10.34
CA HIS A 268 -4.90 -15.54 -10.01
C HIS A 268 -4.30 -16.92 -10.23
N GLY A 269 -4.51 -17.82 -9.27
CA GLY A 269 -4.00 -19.16 -9.37
C GLY A 269 -2.50 -19.25 -9.16
N PRO A 270 -1.97 -20.46 -9.08
CA PRO A 270 -0.56 -20.65 -8.76
C PRO A 270 0.36 -20.36 -9.94
N THR A 271 1.65 -20.29 -9.63
CA THR A 271 2.68 -20.04 -10.64
C THR A 271 2.94 -21.31 -11.43
N LEU A 272 2.78 -21.23 -12.75
CA LEU A 272 3.11 -22.35 -13.62
C LEU A 272 4.61 -22.39 -13.87
N SER A 273 5.13 -23.61 -14.03
CA SER A 273 6.56 -23.80 -14.20
C SER A 273 6.81 -25.07 -15.02
N ASP A 274 7.87 -25.04 -15.83
CA ASP A 274 8.23 -26.15 -16.70
C ASP A 274 9.09 -27.16 -15.95
N GLY A 275 9.44 -28.24 -16.65
CA GLY A 275 10.38 -29.22 -16.09
C GLY A 275 11.80 -28.72 -16.00
N GLN A 276 12.09 -27.53 -16.52
CA GLN A 276 13.43 -26.94 -16.45
C GLN A 276 13.42 -25.60 -15.74
N GLY A 277 12.34 -25.30 -15.00
CA GLY A 277 12.31 -24.17 -14.10
C GLY A 277 11.94 -22.84 -14.72
N ARG A 278 11.51 -22.82 -15.98
CA ARG A 278 11.02 -21.59 -16.60
C ARG A 278 9.55 -21.41 -16.28
N ARG A 279 9.17 -20.21 -15.87
CA ARG A 279 7.90 -20.00 -15.21
C ARG A 279 7.05 -18.93 -15.90
N ARG A 280 5.76 -19.00 -15.64
CA ARG A 280 4.82 -18.00 -16.11
C ARG A 280 3.68 -17.90 -15.10
N VAL A 281 3.07 -16.73 -15.04
CA VAL A 281 1.94 -16.46 -14.16
C VAL A 281 0.89 -15.69 -14.95
N HIS A 282 -0.35 -15.80 -14.49
CA HIS A 282 -1.49 -15.15 -15.13
C HIS A 282 -1.93 -13.97 -14.28
N LEU A 283 -2.03 -12.81 -14.91
CA LEU A 283 -2.30 -11.56 -14.21
C LEU A 283 -3.58 -10.95 -14.78
N HIS A 284 -4.36 -10.35 -13.88
CA HIS A 284 -5.67 -9.78 -14.19
C HIS A 284 -5.72 -8.38 -13.59
N LYS A 285 -6.15 -7.39 -14.38
CA LYS A 285 -6.38 -6.04 -13.87
C LYS A 285 -7.76 -5.54 -14.27
N SER A 286 -8.56 -5.15 -13.27
CA SER A 286 -9.88 -4.57 -13.50
C SER A 286 -9.79 -3.23 -14.24
N LEU A 287 -10.85 -2.90 -14.98
CA LEU A 287 -10.93 -1.68 -15.77
C LEU A 287 -12.24 -0.95 -15.52
N ARG A 288 -12.28 0.31 -15.97
CA ARG A 288 -13.47 1.17 -16.05
C ARG A 288 -14.58 0.90 -15.04
N ASP B 22 -20.66 22.16 30.40
CA ASP B 22 -21.38 22.68 29.23
C ASP B 22 -20.46 23.29 28.16
N PRO B 23 -19.46 24.11 28.55
CA PRO B 23 -18.48 24.56 27.55
C PRO B 23 -17.61 23.40 27.07
N LEU B 24 -17.05 22.64 28.01
CA LEU B 24 -16.36 21.41 27.64
C LEU B 24 -17.30 20.48 26.88
N MET B 25 -18.57 20.44 27.27
CA MET B 25 -19.54 19.60 26.57
C MET B 25 -19.73 20.06 25.13
N ALA B 26 -19.78 21.38 24.91
CA ALA B 26 -19.95 21.90 23.55
C ALA B 26 -18.72 21.63 22.70
N SER B 27 -17.52 21.83 23.26
CA SER B 27 -16.30 21.50 22.54
C SER B 27 -16.26 20.02 22.17
N VAL B 28 -16.58 19.15 23.14
CA VAL B 28 -16.60 17.71 22.89
C VAL B 28 -17.59 17.37 21.78
N ALA B 29 -18.80 17.94 21.84
CA ALA B 29 -19.83 17.62 20.86
C ALA B 29 -19.43 18.07 19.45
N GLU B 30 -18.84 19.26 19.33
CA GLU B 30 -18.25 19.64 18.05
C GLU B 30 -17.29 18.56 17.58
N ALA B 31 -16.30 18.22 18.41
CA ALA B 31 -15.34 17.18 18.06
C ALA B 31 -16.02 15.90 17.58
N VAL B 32 -17.09 15.47 18.26
CA VAL B 32 -17.79 14.26 17.84
C VAL B 32 -18.36 14.42 16.44
N ARG B 33 -18.88 15.61 16.13
CA ARG B 33 -19.36 15.85 14.78
C ARG B 33 -18.22 15.89 13.76
N ARG B 34 -16.99 16.20 14.18
CA ARG B 34 -15.88 16.20 13.22
C ARG B 34 -15.64 14.79 12.68
N ARG B 35 -15.60 13.80 13.56
CA ARG B 35 -15.36 12.40 13.20
C ARG B 35 -16.64 11.65 12.87
N ALA B 36 -17.80 12.31 12.88
CA ALA B 36 -19.06 11.65 12.59
C ALA B 36 -19.12 11.27 11.12
N GLN B 37 -19.31 9.99 10.86
CA GLN B 37 -19.36 9.49 9.48
C GLN B 37 -20.61 8.64 9.24
N PRO B 47 -27.89 15.07 23.70
CA PRO B 47 -26.82 15.13 24.70
C PRO B 47 -26.58 13.77 25.33
N ASP B 48 -27.55 12.87 25.19
CA ASP B 48 -27.48 11.55 25.78
C ASP B 48 -27.73 10.46 24.75
N ALA B 49 -27.70 10.78 23.46
CA ALA B 49 -27.81 9.77 22.43
C ALA B 49 -26.48 9.07 22.22
N GLU B 50 -26.55 7.80 21.83
CA GLU B 50 -25.35 6.99 21.66
C GLU B 50 -24.48 7.53 20.53
N LEU B 51 -23.16 7.50 20.74
CA LEU B 51 -22.23 7.97 19.72
C LEU B 51 -22.32 7.13 18.45
N SER B 52 -22.68 5.84 18.59
CA SER B 52 -22.88 5.01 17.41
C SER B 52 -24.03 5.52 16.55
N ALA B 53 -25.05 6.12 17.16
CA ALA B 53 -26.16 6.72 16.41
C ALA B 53 -25.76 8.01 15.72
N LEU B 54 -24.68 8.64 16.15
CA LEU B 54 -24.15 9.85 15.52
C LEU B 54 -23.16 9.55 14.40
N GLY B 55 -23.05 8.29 14.00
CA GLY B 55 -22.13 7.93 12.93
C GLY B 55 -20.68 7.87 13.32
N VAL B 56 -20.38 7.43 14.54
CA VAL B 56 -19.00 7.34 15.04
C VAL B 56 -18.63 5.86 15.15
N THR B 57 -17.72 5.42 14.30
CA THR B 57 -17.22 4.05 14.36
C THR B 57 -15.99 3.99 15.28
O 4HH B 58 -12.32 4.09 16.49
C 4HH B 58 -13.07 3.45 15.74
CA 4HH B 58 -14.24 2.66 16.29
N 4HH B 58 -15.43 2.79 15.43
CB 4HH B 58 -13.88 1.17 16.45
OG 4HH B 58 -13.87 0.51 15.20
CJ 4HH B 58 -11.83 -0.75 13.84
CK 4HH B 58 -10.42 -0.68 14.41
CL1 4HH B 58 -9.43 -0.40 13.27
CL2 4HH B 58 -10.34 0.48 15.41
CL3 4HH B 58 -8.73 -1.96 15.91
CM 4HH B 58 -10.02 -1.99 15.10
OM 4HH B 58 -9.98 -3.08 14.19
NN 4HH B 58 -7.66 -2.51 15.36
ON 4HH B 58 -8.70 -1.44 17.02
P 4HH B 58 -14.34 -0.88 14.68
O1P 4HH B 58 -14.64 -1.77 13.49
O2P 4HH B 58 -15.02 -1.34 15.95
O3P 4HH B 58 -12.76 -1.00 14.94
CO 4HH B 58 -6.40 -2.64 16.08
CP 4HH B 58 -6.06 -4.08 16.38
CQ 4HH B 58 -5.59 -4.76 15.12
CS 4HH B 58 -7.63 -6.16 15.13
CT 4HH B 58 -7.70 -7.66 15.13
NR 4HH B 58 -6.37 -5.69 14.56
OR 4HH B 58 -4.50 -4.46 14.62
SU 4HH B 58 -6.19 -8.35 15.86
N LEU B 59 -12.89 3.42 14.41
CA LEU B 59 -11.97 4.35 13.75
C LEU B 59 -12.25 5.79 14.17
N GLY B 60 -13.54 6.17 14.17
CA GLY B 60 -13.91 7.48 14.65
C GLY B 60 -13.59 7.71 16.12
N VAL B 61 -13.66 6.65 16.93
CA VAL B 61 -13.28 6.77 18.34
C VAL B 61 -11.80 7.13 18.45
N ALA B 62 -10.96 6.50 17.63
CA ALA B 62 -9.54 6.84 17.61
C ALA B 62 -9.32 8.29 17.20
N GLY B 63 -10.03 8.73 16.16
CA GLY B 63 -9.93 10.12 15.73
C GLY B 63 -10.34 11.09 16.82
N LEU B 64 -11.45 10.79 17.49
CA LEU B 64 -11.88 11.56 18.65
C LEU B 64 -10.77 11.66 19.69
N ILE B 65 -10.17 10.52 20.03
CA ILE B 65 -9.16 10.48 21.09
C ILE B 65 -8.00 11.40 20.75
N VAL B 66 -7.45 11.25 19.55
CA VAL B 66 -6.28 12.06 19.18
C VAL B 66 -6.65 13.54 19.09
N ASP B 67 -7.86 13.86 18.59
CA ASP B 67 -8.26 15.26 18.49
C ASP B 67 -8.40 15.89 19.88
N LEU B 68 -8.98 15.16 20.83
CA LEU B 68 -9.15 15.71 22.17
C LEU B 68 -7.81 15.84 22.89
N GLU B 69 -6.90 14.89 22.68
CA GLU B 69 -5.57 15.00 23.25
C GLU B 69 -4.85 16.23 22.69
N GLU B 70 -4.99 16.47 21.38
CA GLU B 70 -4.36 17.67 20.80
C GLU B 70 -4.97 18.94 21.37
N GLU B 71 -6.29 18.99 21.50
CA GLU B 71 -6.93 20.25 21.89
C GLU B 71 -6.67 20.58 23.35
N PHE B 72 -6.88 19.62 24.25
CA PHE B 72 -6.86 19.92 25.68
C PHE B 72 -5.54 19.56 26.35
N SER B 73 -4.53 19.19 25.57
CA SER B 73 -3.16 18.94 26.05
C SER B 73 -3.15 18.06 27.30
N PHE B 74 -3.53 16.79 27.10
CA PHE B 74 -3.51 15.80 28.17
C PHE B 74 -3.27 14.44 27.54
N GLN B 75 -3.21 13.40 28.38
CA GLN B 75 -2.93 12.03 27.95
C GLN B 75 -4.14 11.16 28.23
N PHE B 76 -4.79 10.69 27.19
CA PHE B 76 -5.95 9.81 27.34
C PHE B 76 -5.49 8.39 27.65
N PRO B 77 -5.81 7.83 28.82
CA PRO B 77 -5.30 6.51 29.18
C PRO B 77 -5.80 5.42 28.24
N ALA B 78 -4.94 4.44 27.97
CA ALA B 78 -5.34 3.32 27.13
C ALA B 78 -6.54 2.60 27.72
N ASP B 79 -6.55 2.42 29.02
CA ASP B 79 -7.59 1.62 29.65
C ASP B 79 -8.90 2.38 29.82
N ALA B 80 -8.97 3.63 29.39
CA ALA B 80 -10.22 4.35 29.30
C ALA B 80 -10.92 4.17 27.95
N VAL B 81 -10.26 3.49 27.00
CA VAL B 81 -10.83 3.22 25.69
C VAL B 81 -11.80 2.05 25.82
N THR B 82 -13.01 2.34 26.30
CA THR B 82 -14.05 1.34 26.48
C THR B 82 -15.36 1.87 25.92
N PRO B 83 -16.27 0.98 25.51
CA PRO B 83 -17.55 1.45 24.96
C PRO B 83 -18.42 2.19 25.96
N GLU B 84 -18.17 2.01 27.27
CA GLU B 84 -18.90 2.77 28.28
C GLU B 84 -18.47 4.24 28.27
N VAL B 85 -17.15 4.49 28.22
CA VAL B 85 -16.66 5.86 28.16
C VAL B 85 -17.15 6.53 26.88
N PHE B 86 -17.16 5.81 25.77
CA PHE B 86 -17.61 6.35 24.49
C PHE B 86 -19.04 5.95 24.16
N HIS B 87 -19.89 5.84 25.19
CA HIS B 87 -21.29 5.48 24.96
C HIS B 87 -22.07 6.68 24.45
N THR B 88 -22.24 7.69 25.31
CA THR B 88 -22.99 8.89 24.97
C THR B 88 -22.07 10.10 25.08
N LEU B 89 -22.63 11.27 24.78
CA LEU B 89 -21.87 12.52 24.89
C LEU B 89 -21.50 12.80 26.35
N ARG B 90 -22.45 12.58 27.27
CA ARG B 90 -22.20 12.90 28.67
C ARG B 90 -21.09 12.03 29.25
N THR B 91 -21.05 10.75 28.89
CA THR B 91 -20.01 9.85 29.42
C THR B 91 -18.62 10.32 29.03
N LEU B 92 -18.42 10.57 27.73
CA LEU B 92 -17.13 11.04 27.26
C LEU B 92 -16.78 12.38 27.89
N THR B 93 -17.75 13.29 27.99
CA THR B 93 -17.49 14.60 28.57
C THR B 93 -17.00 14.47 30.01
N ASP B 94 -17.69 13.65 30.81
CA ASP B 94 -17.30 13.47 32.20
C ASP B 94 -15.91 12.83 32.29
N SER B 95 -15.61 11.88 31.39
CA SER B 95 -14.29 11.24 31.39
C SER B 95 -13.18 12.26 31.12
N VAL B 96 -13.35 13.09 30.07
CA VAL B 96 -12.29 14.04 29.73
C VAL B 96 -12.17 15.12 30.80
N ARG B 97 -13.29 15.53 31.40
CA ARG B 97 -13.21 16.54 32.45
C ARG B 97 -12.45 16.00 33.66
N ALA B 98 -12.74 14.75 34.07
CA ALA B 98 -12.02 14.17 35.20
C ALA B 98 -10.54 14.00 34.88
N LEU B 99 -10.22 13.59 33.64
CA LEU B 99 -8.83 13.43 33.24
C LEU B 99 -8.08 14.77 33.24
N CYS B 100 -8.77 15.85 32.86
CA CYS B 100 -8.12 17.16 32.87
C CYS B 100 -7.91 17.64 34.31
N ARG B 101 -8.89 17.41 35.19
CA ARG B 101 -8.72 17.81 36.58
C ARG B 101 -7.55 17.05 37.23
N HIS B 102 -7.42 15.76 36.90
CA HIS B 102 -6.45 14.92 37.61
C HIS B 102 -5.03 15.47 37.50
N GLN B 103 -4.66 16.00 36.33
CA GLN B 103 -3.37 16.66 36.19
C GLN B 103 -3.48 17.93 35.37
N GLY B 119 -16.63 0.52 38.90
CA GLY B 119 -16.99 -0.56 39.80
C GLY B 119 -16.36 -1.89 39.39
N GLU B 120 -17.03 -2.99 39.71
CA GLU B 120 -16.53 -4.32 39.38
C GLU B 120 -16.51 -4.60 37.87
N ALA B 121 -17.36 -3.95 37.08
CA ALA B 121 -17.26 -4.14 35.62
C ALA B 121 -15.94 -3.63 35.08
N THR B 122 -15.48 -2.49 35.60
CA THR B 122 -14.20 -1.94 35.17
C THR B 122 -13.04 -2.83 35.60
N ALA B 123 -13.04 -3.28 36.86
CA ALA B 123 -11.91 -4.05 37.39
C ALA B 123 -11.88 -5.47 36.85
N ALA B 124 -12.92 -5.90 36.14
CA ALA B 124 -12.90 -7.22 35.53
C ALA B 124 -11.78 -7.34 34.49
N TRP B 125 -11.27 -6.22 33.99
CA TRP B 125 -10.18 -6.21 33.02
C TRP B 125 -8.84 -6.03 33.73
N GLN B 126 -7.88 -6.91 33.46
CA GLN B 126 -6.57 -6.83 34.12
C GLN B 126 -5.45 -7.26 33.19
N TRP B 127 -4.37 -6.48 33.18
CA TRP B 127 -3.19 -6.74 32.38
C TRP B 127 -2.16 -7.52 33.18
N GLU B 128 -1.46 -8.42 32.48
CA GLU B 128 -0.42 -9.21 33.12
C GLU B 128 0.70 -9.44 32.12
N VAL B 129 1.90 -9.61 32.66
CA VAL B 129 2.99 -10.20 31.90
C VAL B 129 2.73 -11.71 31.88
N SER B 130 2.37 -12.25 30.71
CA SER B 130 1.95 -13.63 30.64
C SER B 130 3.08 -14.58 31.02
N ARG B 131 2.70 -15.70 31.64
CA ARG B 131 3.63 -16.77 31.97
C ARG B 131 3.24 -18.10 31.35
N ASP B 132 2.22 -18.14 30.48
CA ASP B 132 1.66 -19.41 30.00
C ASP B 132 1.77 -19.47 28.48
N THR B 133 2.74 -20.25 27.99
CA THR B 133 2.99 -20.34 26.56
C THR B 133 1.77 -20.88 25.82
N GLY B 134 1.18 -21.97 26.31
CA GLY B 134 0.06 -22.59 25.60
C GLY B 134 -1.13 -21.67 25.44
N GLU B 135 -1.43 -20.89 26.49
CA GLU B 135 -2.55 -19.97 26.45
C GLU B 135 -2.31 -18.87 25.42
N VAL B 136 -1.10 -18.31 25.43
CA VAL B 136 -0.75 -17.27 24.47
C VAL B 136 -0.83 -17.80 23.05
N HIS B 137 -0.34 -19.03 22.84
CA HIS B 137 -0.34 -19.58 21.50
C HIS B 137 -1.77 -19.85 21.02
N ALA B 138 -2.61 -20.37 21.89
CA ALA B 138 -4.01 -20.60 21.54
C ALA B 138 -4.72 -19.30 21.19
N LEU B 139 -4.49 -18.25 21.98
CA LEU B 139 -5.11 -16.96 21.67
C LEU B 139 -4.67 -16.46 20.31
N LEU B 140 -3.36 -16.51 20.05
CA LEU B 140 -2.84 -16.04 18.77
C LEU B 140 -3.44 -16.82 17.61
N CYS B 141 -3.54 -18.14 17.74
CA CYS B 141 -4.05 -18.90 16.61
C CYS B 141 -5.55 -18.71 16.41
N ALA B 142 -6.30 -18.50 17.50
CA ALA B 142 -7.73 -18.22 17.35
C ALA B 142 -7.96 -16.88 16.67
N CYS B 143 -7.20 -15.86 17.06
CA CYS B 143 -7.30 -14.57 16.39
C CYS B 143 -6.89 -14.68 14.92
N ASP B 144 -5.78 -15.38 14.64
CA ASP B 144 -5.34 -15.56 13.26
C ASP B 144 -6.39 -16.28 12.43
N ALA B 145 -7.04 -17.29 13.02
CA ALA B 145 -8.05 -18.04 12.29
C ALA B 145 -9.26 -17.18 11.99
N HIS B 146 -9.74 -16.43 12.98
CA HIS B 146 -10.90 -15.57 12.76
C HIS B 146 -10.61 -14.52 11.70
N GLN B 147 -9.41 -13.92 11.73
CA GLN B 147 -9.08 -12.88 10.74
C GLN B 147 -8.83 -13.46 9.36
N ALA B 148 -8.27 -14.67 9.28
CA ALA B 148 -8.08 -15.32 7.98
C ALA B 148 -9.42 -15.69 7.35
N ALA B 149 -10.39 -16.11 8.17
CA ALA B 149 -11.71 -16.39 7.64
C ALA B 149 -12.43 -15.10 7.26
N ALA B 150 -12.24 -14.04 8.03
CA ALA B 150 -12.91 -12.78 7.74
C ALA B 150 -12.36 -12.13 6.46
N SER B 151 -11.04 -12.25 6.23
CA SER B 151 -10.41 -11.65 5.07
C SER B 151 -10.22 -12.60 3.90
N GLY B 152 -10.40 -13.91 4.12
CA GLY B 152 -10.25 -14.88 3.05
C GLY B 152 -8.83 -15.31 2.76
N THR B 153 -7.84 -14.62 3.30
CA THR B 153 -6.45 -15.02 3.10
C THR B 153 -6.04 -16.07 4.13
N SER B 154 -4.86 -16.63 3.94
CA SER B 154 -4.36 -17.67 4.84
C SER B 154 -3.78 -17.05 6.10
N ALA B 155 -4.04 -17.69 7.24
CA ALA B 155 -3.47 -17.25 8.49
C ALA B 155 -1.95 -17.42 8.46
N PRO B 156 -1.21 -16.54 9.12
CA PRO B 156 0.25 -16.66 9.13
C PRO B 156 0.69 -17.91 9.88
N ALA B 157 1.86 -18.43 9.50
CA ALA B 157 2.45 -19.57 10.19
C ALA B 157 3.09 -19.10 11.48
N ARG B 158 2.67 -19.69 12.60
CA ARG B 158 3.14 -19.29 13.92
C ARG B 158 4.03 -20.38 14.50
N ARG B 159 5.19 -19.99 15.01
CA ARG B 159 6.12 -20.92 15.63
C ARG B 159 5.88 -20.96 17.14
N LEU B 160 5.59 -22.15 17.65
CA LEU B 160 5.51 -22.35 19.09
C LEU B 160 6.83 -22.01 19.78
N GLU B 161 7.97 -22.28 19.14
CA GLU B 161 9.24 -21.92 19.75
C GLU B 161 9.32 -20.41 19.93
N THR B 162 8.86 -19.65 18.93
CA THR B 162 8.80 -18.21 19.08
C THR B 162 7.91 -17.82 20.27
N THR B 163 6.74 -18.44 20.39
CA THR B 163 5.85 -18.14 21.52
C THR B 163 6.55 -18.39 22.85
N GLU B 164 7.22 -19.55 22.97
CA GLU B 164 7.91 -19.90 24.20
C GLU B 164 8.99 -18.86 24.53
N HIS B 165 9.81 -18.49 23.54
CA HIS B 165 10.85 -17.52 23.78
C HIS B 165 10.27 -16.16 24.17
N ARG B 166 9.16 -15.75 23.53
CA ARG B 166 8.51 -14.49 23.89
C ARG B 166 7.99 -14.52 25.31
N VAL B 167 7.38 -15.64 25.73
CA VAL B 167 6.82 -15.72 27.07
C VAL B 167 7.92 -15.75 28.12
N ARG B 168 8.94 -16.60 27.91
CA ARG B 168 10.04 -16.70 28.88
C ARG B 168 10.76 -15.36 29.04
N SER B 169 10.91 -14.59 27.96
CA SER B 169 11.56 -13.28 28.03
C SER B 169 10.72 -12.22 28.73
N GLY B 170 9.45 -12.50 29.03
CA GLY B 170 8.58 -11.49 29.60
C GLY B 170 8.10 -10.46 28.59
N SER B 171 8.06 -10.82 27.30
CA SER B 171 7.69 -9.90 26.25
C SER B 171 6.20 -9.91 25.91
N VAL B 172 5.42 -10.84 26.47
CA VAL B 172 4.01 -10.96 26.12
C VAL B 172 3.17 -10.27 27.20
N HIS B 173 2.38 -9.28 26.79
CA HIS B 173 1.49 -8.56 27.68
C HIS B 173 0.05 -8.89 27.31
N LEU B 174 -0.69 -9.40 28.28
CA LEU B 174 -1.98 -10.03 28.04
C LEU B 174 -3.04 -9.41 28.93
N LEU B 175 -4.19 -9.14 28.35
CA LEU B 175 -5.35 -8.54 29.00
C LEU B 175 -6.41 -9.62 29.16
N ARG B 176 -6.71 -9.95 30.42
CA ARG B 176 -7.80 -10.85 30.80
C ARG B 176 -9.06 -10.08 31.19
N HIS B 177 -10.20 -10.70 30.91
CA HIS B 177 -11.49 -10.25 31.40
C HIS B 177 -12.11 -11.42 32.16
N ASP B 178 -12.45 -11.18 33.44
CA ASP B 178 -12.97 -12.24 34.32
C ASP B 178 -12.11 -13.50 34.27
N GLY B 179 -10.80 -13.33 34.10
CA GLY B 179 -9.88 -14.44 34.03
C GLY B 179 -9.67 -15.03 32.66
N ARG B 180 -10.54 -14.70 31.68
CA ARG B 180 -10.49 -15.25 30.32
C ARG B 180 -9.67 -14.33 29.42
N PRO B 181 -8.71 -14.87 28.67
CA PRO B 181 -7.85 -14.01 27.83
C PRO B 181 -8.68 -13.26 26.78
N ALA B 182 -8.49 -11.95 26.73
CA ALA B 182 -9.21 -11.07 25.82
C ALA B 182 -8.33 -10.43 24.76
N GLY B 183 -7.12 -10.02 25.12
CA GLY B 183 -6.28 -9.36 24.13
C GLY B 183 -4.83 -9.44 24.56
N MET B 184 -3.93 -9.10 23.63
CA MET B 184 -2.52 -9.22 23.98
C MET B 184 -1.67 -8.61 22.87
N PHE B 185 -0.41 -8.35 23.23
CA PHE B 185 0.60 -7.96 22.25
C PHE B 185 1.96 -8.42 22.76
N THR B 186 2.95 -8.39 21.87
CA THR B 186 4.32 -8.76 22.20
C THR B 186 5.21 -7.57 21.90
N LEU B 187 6.12 -7.29 22.81
CA LEU B 187 6.95 -6.09 22.81
C LEU B 187 8.39 -6.51 23.05
N THR B 188 9.26 -6.26 22.08
CA THR B 188 10.61 -6.80 22.11
C THR B 188 11.62 -5.73 21.73
N TRP B 189 12.85 -5.85 22.26
CA TRP B 189 13.91 -5.00 21.74
C TRP B 189 14.43 -5.55 20.41
N ASP B 190 14.49 -6.87 20.28
CA ASP B 190 14.85 -7.51 19.01
C ASP B 190 13.76 -7.28 17.97
N PRO B 191 14.14 -7.08 16.71
CA PRO B 191 13.16 -7.09 15.63
C PRO B 191 12.55 -8.47 15.47
N PRO B 192 11.22 -8.59 15.58
CA PRO B 192 10.55 -9.88 15.38
C PRO B 192 10.25 -10.21 13.92
N PHE B 193 10.77 -9.41 12.99
CA PHE B 193 10.58 -9.63 11.56
C PHE B 193 11.76 -8.97 10.84
N ALA B 194 11.92 -9.32 9.57
CA ALA B 194 13.04 -8.81 8.79
C ALA B 194 12.69 -7.48 8.17
N ALA B 195 13.64 -6.54 8.21
CA ALA B 195 13.43 -5.21 7.65
C ALA B 195 14.77 -4.64 7.21
N ASP B 196 14.69 -3.64 6.33
CA ASP B 196 15.88 -3.01 5.79
C ASP B 196 16.43 -1.94 6.74
N GLU B 197 17.63 -1.47 6.43
CA GLU B 197 18.22 -0.39 7.21
C GLU B 197 17.40 0.89 7.08
N GLY B 198 16.93 1.20 5.87
CA GLY B 198 16.19 2.41 5.62
C GLY B 198 14.69 2.25 5.68
N ALA B 199 14.20 1.16 6.27
CA ALA B 199 12.77 1.01 6.41
C ALA B 199 12.20 1.92 7.49
N PHE B 200 13.01 2.27 8.50
CA PHE B 200 12.51 3.05 9.62
C PHE B 200 13.30 4.34 9.76
N PRO B 201 12.70 5.39 10.31
CA PRO B 201 13.48 6.54 10.76
C PRO B 201 14.42 6.13 11.87
N PRO B 202 15.52 6.84 12.06
CA PRO B 202 16.50 6.44 13.07
C PRO B 202 15.92 6.54 14.47
N ALA B 203 16.40 5.66 15.35
CA ALA B 203 15.97 5.66 16.74
C ALA B 203 17.11 5.14 17.61
N GLU B 204 17.25 5.73 18.79
CA GLU B 204 18.27 5.28 19.74
C GLU B 204 17.89 3.96 20.39
N ARG B 205 16.67 3.86 20.91
CA ARG B 205 16.19 2.67 21.63
C ARG B 205 14.84 2.26 21.06
N PRO B 206 14.81 1.69 19.85
CA PRO B 206 13.54 1.28 19.27
C PRO B 206 13.04 0.00 19.93
N LEU B 207 11.74 -0.04 20.22
CA LEU B 207 11.04 -1.25 20.58
C LEU B 207 10.21 -1.70 19.40
N TYR B 208 9.77 -2.96 19.45
CA TYR B 208 9.08 -3.59 18.34
C TYR B 208 7.80 -4.22 18.84
N LEU B 209 6.73 -4.00 18.08
CA LEU B 209 5.42 -4.56 18.37
C LEU B 209 5.16 -5.71 17.41
N SER B 210 4.65 -6.82 17.95
CA SER B 210 4.22 -7.94 17.11
C SER B 210 3.09 -8.67 17.82
N ARG B 211 2.45 -9.56 17.07
CA ARG B 211 1.50 -10.52 17.62
C ARG B 211 0.42 -9.85 18.47
N LEU B 212 -0.03 -8.67 18.03
CA LEU B 212 -1.21 -8.07 18.63
C LEU B 212 -2.43 -8.88 18.22
N ALA B 213 -3.19 -9.38 19.20
CA ALA B 213 -4.30 -10.27 18.90
C ALA B 213 -5.45 -10.01 19.85
N VAL B 214 -6.67 -10.22 19.34
CA VAL B 214 -7.89 -10.01 20.09
C VAL B 214 -8.69 -11.30 20.04
N ALA B 215 -9.20 -11.74 21.20
CA ALA B 215 -10.03 -12.93 21.24
C ALA B 215 -11.25 -12.74 20.35
N PRO B 216 -11.72 -13.81 19.70
CA PRO B 216 -12.83 -13.67 18.74
C PRO B 216 -14.09 -13.07 19.33
N GLU B 217 -14.33 -13.23 20.63
CA GLU B 217 -15.56 -12.70 21.20
C GLU B 217 -15.55 -11.19 21.35
N TRP B 218 -14.42 -10.52 21.11
CA TRP B 218 -14.35 -9.06 21.10
C TRP B 218 -14.08 -8.50 19.72
N LEU B 219 -14.17 -9.33 18.68
CA LEU B 219 -14.05 -8.89 17.29
C LEU B 219 -15.38 -8.40 16.71
N THR B 220 -16.37 -8.13 17.55
CA THR B 220 -17.69 -7.77 17.04
C THR B 220 -17.70 -6.38 16.41
N GLY B 221 -16.88 -5.47 16.90
CA GLY B 221 -16.96 -4.10 16.45
C GLY B 221 -17.72 -3.27 17.46
N GLY B 222 -17.12 -2.17 17.89
CA GLY B 222 -17.63 -1.42 19.01
C GLY B 222 -17.15 -1.92 20.36
N SER B 223 -16.27 -2.92 20.39
CA SER B 223 -15.73 -3.38 21.67
C SER B 223 -14.49 -2.60 22.07
N LEU B 224 -13.75 -2.06 21.10
CA LEU B 224 -12.59 -1.21 21.30
C LEU B 224 -11.44 -1.95 21.96
N VAL B 225 -11.50 -3.28 22.04
CA VAL B 225 -10.44 -4.03 22.70
C VAL B 225 -9.15 -3.95 21.89
N GLY B 226 -9.26 -3.94 20.57
CA GLY B 226 -8.07 -3.78 19.73
C GLY B 226 -7.37 -2.46 19.99
N LEU B 227 -8.14 -1.36 20.00
CA LEU B 227 -7.56 -0.05 20.23
C LEU B 227 -7.00 0.07 21.64
N ARG B 228 -7.66 -0.56 22.62
CA ARG B 228 -7.14 -0.53 23.98
C ARG B 228 -5.81 -1.25 24.08
N CYS B 229 -5.68 -2.41 23.43
CA CYS B 229 -4.41 -3.11 23.41
C CYS B 229 -3.34 -2.30 22.70
N LEU B 230 -3.69 -1.66 21.59
CA LEU B 230 -2.68 -0.94 20.82
C LEU B 230 -2.15 0.27 21.59
N ARG B 231 -3.06 1.04 22.20
CA ARG B 231 -2.64 2.17 23.02
C ARG B 231 -1.93 1.70 24.30
N ARG B 232 -2.32 0.55 24.83
CA ARG B 232 -1.54 -0.03 25.92
C ARG B 232 -0.11 -0.28 25.48
N ALA B 233 0.08 -0.90 24.31
CA ALA B 233 1.42 -1.18 23.81
C ALA B 233 2.23 0.10 23.68
N ILE B 234 1.63 1.14 23.11
CA ILE B 234 2.33 2.42 23.00
C ILE B 234 2.75 2.93 24.38
N GLU B 235 1.87 2.85 25.37
CA GLU B 235 2.22 3.30 26.72
C GLU B 235 3.36 2.48 27.32
N THR B 236 3.27 1.15 27.21
CA THR B 236 4.28 0.26 27.77
C THR B 236 5.63 0.51 27.10
N ALA B 237 5.65 0.68 25.79
CA ALA B 237 6.88 1.03 25.09
C ALA B 237 7.46 2.32 25.64
N ALA B 238 6.61 3.34 25.85
CA ALA B 238 7.12 4.60 26.39
C ALA B 238 7.71 4.40 27.78
N GLN B 239 7.07 3.59 28.62
CA GLN B 239 7.55 3.43 29.99
C GLN B 239 8.86 2.63 30.05
N ALA B 240 9.12 1.78 29.05
CA ALA B 240 10.35 0.98 29.08
C ALA B 240 11.57 1.76 28.62
N GLY B 241 11.43 3.06 28.36
CA GLY B 241 12.55 3.85 27.90
C GLY B 241 12.75 3.87 26.40
N GLY B 242 11.92 3.16 25.64
CA GLY B 242 12.02 3.24 24.20
C GLY B 242 11.61 4.60 23.67
N ASP B 243 12.33 5.07 22.66
CA ASP B 243 12.00 6.33 22.00
C ASP B 243 11.18 6.14 20.73
N ALA B 244 10.90 4.90 20.34
CA ALA B 244 10.08 4.65 19.17
C ALA B 244 9.48 3.27 19.25
N LEU B 245 8.33 3.08 18.62
CA LEU B 245 7.69 1.78 18.50
C LEU B 245 7.54 1.45 17.03
N ARG B 246 8.14 0.35 16.59
CA ARG B 246 8.08 -0.07 15.20
C ARG B 246 7.21 -1.32 15.06
N SER B 247 6.65 -1.49 13.87
CA SER B 247 5.69 -2.56 13.63
C SER B 247 5.69 -2.95 12.15
N GLU B 248 5.12 -4.12 11.88
CA GLU B 248 4.87 -4.61 10.53
C GLU B 248 3.38 -4.84 10.37
N ALA B 249 2.75 -4.10 9.46
CA ALA B 249 1.30 -4.08 9.33
C ALA B 249 0.88 -4.58 7.95
N ASN B 250 -0.39 -5.00 7.88
CA ASN B 250 -0.98 -5.49 6.64
C ASN B 250 -1.80 -4.37 6.03
N PRO B 251 -1.41 -3.83 4.88
CA PRO B 251 -2.16 -2.72 4.28
C PRO B 251 -3.57 -3.09 3.87
N ASP B 252 -3.88 -4.37 3.68
CA ASP B 252 -5.19 -4.75 3.21
C ASP B 252 -6.26 -4.66 4.30
N LEU B 253 -5.87 -4.71 5.57
CA LEU B 253 -6.77 -4.40 6.68
C LEU B 253 -6.88 -2.88 6.77
N SER B 254 -7.75 -2.34 5.91
CA SER B 254 -7.77 -0.89 5.69
C SER B 254 -8.17 -0.13 6.94
N ALA B 255 -9.16 -0.63 7.69
CA ALA B 255 -9.58 0.07 8.90
C ALA B 255 -8.43 0.15 9.91
N THR B 256 -7.71 -0.97 10.10
CA THR B 256 -6.58 -0.98 11.02
C THR B 256 -5.42 -0.12 10.52
N ARG B 257 -5.15 -0.17 9.21
CA ARG B 257 -4.13 0.69 8.62
C ARG B 257 -4.45 2.16 8.87
N SER B 258 -5.73 2.53 8.73
CA SER B 258 -6.15 3.91 8.98
C SER B 258 -5.99 4.27 10.44
N LEU B 259 -6.38 3.37 11.35
CA LEU B 259 -6.14 3.58 12.77
C LEU B 259 -4.68 3.89 13.03
N LEU B 260 -3.78 3.03 12.54
CA LEU B 260 -2.34 3.25 12.71
C LEU B 260 -1.91 4.60 12.15
N ASP B 261 -2.54 5.05 11.07
CA ASP B 261 -2.23 6.38 10.53
C ASP B 261 -2.63 7.47 11.51
N ILE B 262 -3.80 7.34 12.14
CA ILE B 262 -4.24 8.37 13.09
C ILE B 262 -3.35 8.40 14.31
N LEU B 263 -2.87 7.24 14.76
CA LEU B 263 -2.13 7.18 16.00
C LEU B 263 -0.70 7.67 15.87
N GLY B 264 -0.30 8.21 14.71
CA GLY B 264 1.04 8.73 14.54
C GLY B 264 2.07 7.77 13.99
N PHE B 265 1.64 6.65 13.40
CA PHE B 265 2.58 5.74 12.75
C PHE B 265 2.84 6.22 11.33
N VAL B 266 4.12 6.41 11.00
CA VAL B 266 4.55 6.83 9.68
C VAL B 266 5.17 5.64 8.96
N GLN B 267 5.03 5.63 7.63
CA GLN B 267 5.63 4.63 6.76
C GLN B 267 6.81 5.29 6.05
N HIS B 268 8.03 4.83 6.35
CA HIS B 268 9.20 5.53 5.86
C HIS B 268 9.66 5.03 4.48
N GLY B 269 9.44 3.75 4.17
CA GLY B 269 9.87 3.19 2.91
C GLY B 269 8.71 2.58 2.13
N PRO B 270 9.02 1.91 1.03
CA PRO B 270 7.97 1.38 0.15
C PRO B 270 7.31 0.16 0.76
N THR B 271 6.21 -0.25 0.12
CA THR B 271 5.41 -1.38 0.59
C THR B 271 5.96 -2.68 0.03
N LEU B 272 6.39 -3.58 0.92
CA LEU B 272 6.83 -4.90 0.49
C LEU B 272 5.64 -5.71 -0.03
N SER B 273 5.87 -6.43 -1.13
CA SER B 273 4.82 -7.19 -1.78
C SER B 273 5.44 -8.42 -2.42
N ASP B 274 4.73 -9.55 -2.33
CA ASP B 274 5.15 -10.78 -3.00
C ASP B 274 4.47 -10.98 -4.34
N GLY B 275 3.52 -10.10 -4.70
CA GLY B 275 2.80 -10.23 -5.95
C GLY B 275 1.69 -11.25 -5.94
N GLN B 276 1.48 -11.94 -4.82
CA GLN B 276 0.48 -12.99 -4.67
C GLN B 276 -0.48 -12.68 -3.52
N GLY B 277 -0.74 -11.40 -3.28
CA GLY B 277 -1.73 -10.96 -2.32
C GLY B 277 -1.17 -10.49 -0.99
N ARG B 278 0.04 -10.91 -0.62
CA ARG B 278 0.61 -10.63 0.69
C ARG B 278 1.45 -9.35 0.62
N ARG B 279 0.97 -8.30 1.28
CA ARG B 279 1.67 -7.04 1.39
C ARG B 279 1.94 -6.76 2.86
N ARG B 280 3.05 -6.08 3.13
CA ARG B 280 3.37 -5.66 4.49
C ARG B 280 4.11 -4.33 4.43
N VAL B 281 3.70 -3.41 5.31
CA VAL B 281 4.36 -2.11 5.44
C VAL B 281 5.05 -2.05 6.79
N HIS B 282 6.10 -1.25 6.85
CA HIS B 282 6.90 -1.10 8.06
C HIS B 282 6.65 0.28 8.64
N LEU B 283 6.08 0.33 9.85
CA LEU B 283 5.59 1.56 10.44
C LEU B 283 6.40 1.93 11.68
N HIS B 284 6.44 3.23 11.96
CA HIS B 284 7.26 3.80 13.01
C HIS B 284 6.43 4.82 13.79
N LYS B 285 6.60 4.86 15.11
CA LYS B 285 5.83 5.75 15.96
C LYS B 285 6.77 6.39 16.97
N SER B 286 7.01 7.70 16.82
CA SER B 286 7.90 8.40 17.74
C SER B 286 7.28 8.43 19.13
N LEU B 287 8.14 8.46 20.15
CA LEU B 287 7.67 8.45 21.53
C LEU B 287 8.27 9.60 22.33
S SCN C . 13.03 10.67 -14.27
C SCN C . 13.11 10.03 -12.75
N SCN C . 13.17 9.59 -11.67
S SCN D . -7.60 -10.43 -32.14
C SCN D . -7.77 -8.81 -31.89
N SCN D . -7.89 -7.65 -31.71
S SCN E . 1.64 8.76 -23.84
C SCN E . 0.03 9.07 -23.85
N SCN E . -1.11 9.32 -23.82
CL CL F . 14.01 0.22 -12.23
C BCT G . -6.10 19.33 -3.93
O1 BCT G . -6.89 18.68 -4.62
O2 BCT G . -5.98 19.38 -2.68
O3 BCT G . -5.22 20.11 -4.66
C BCT H . -9.93 19.17 -1.84
O1 BCT H . -10.62 19.57 -2.80
O2 BCT H . -10.24 19.00 -0.66
O3 BCT H . -8.62 18.88 -2.20
C BCT I . 13.75 -9.26 23.65
O1 BCT I . 13.19 -8.43 24.39
O2 BCT I . 14.05 -10.47 23.83
O3 BCT I . 14.11 -8.75 22.41
C BCT J . 10.06 -5.74 27.35
O1 BCT J . 8.86 -6.02 27.18
O2 BCT J . 10.58 -4.72 27.85
O3 BCT J . 10.95 -6.73 26.89
CL CL K . -9.30 -4.46 10.25
#